data_3F7C
#
_entry.id   3F7C
#
_cell.length_a   76.998
_cell.length_b   76.998
_cell.length_c   91.260
_cell.angle_alpha   90.000
_cell.angle_beta   90.000
_cell.angle_gamma   120.000
#
_symmetry.space_group_name_H-M   'P 64'
#
loop_
_entity.id
_entity.type
_entity.pdbx_description
1 polymer 'protein of unknown function (DUF416)'
2 non-polymer 'CITRIC ACID'
3 non-polymer 'SODIUM ION'
4 water water
#
_entity_poly.entity_id   1
_entity_poly.type   'polypeptide(L)'
_entity_poly.pdbx_seq_one_letter_code
;G(MSE)NANQFLKAVSQLQGWRECAFLLALAERSFPNYALFADAVGLKTGGK(MSE)RQLLDLAWD(MSE)LQKDVADAA
IPQLLSKLETLCPNVDEYDAYGVYPAFDFCQLLEQALLNRLNPNKHRATEASQLATRTV(MSE)DFVE(MSE)SEGEG
(MSE)DENELVRVFEHHPLLKDDKLFQRDTV(MSE)ALYYYRTPKEAFLAELRAGAANDGVSNLGISLEG
;
_entity_poly.pdbx_strand_id   A
#
loop_
_chem_comp.id
_chem_comp.type
_chem_comp.name
_chem_comp.formula
CIT non-polymer 'CITRIC ACID' 'C6 H8 O7'
NA non-polymer 'SODIUM ION' 'Na 1'
#
# COMPACT_ATOMS: atom_id res chain seq x y z
N GLY A 1 -0.68 14.06 -15.69
CA GLY A 1 -1.32 12.75 -16.07
C GLY A 1 -0.33 11.59 -16.26
N MSE A 2 -0.77 10.39 -15.91
CA MSE A 2 0.04 9.16 -16.03
C MSE A 2 -0.66 8.12 -16.92
O MSE A 2 -1.82 7.81 -16.71
CB MSE A 2 0.29 8.62 -14.64
CG MSE A 2 1.04 9.63 -13.77
SE MSE A 2 3.01 9.46 -14.08
CE MSE A 2 3.35 10.76 -15.55
N ASN A 3 0.03 7.60 -17.93
CA ASN A 3 -0.59 6.64 -18.83
C ASN A 3 -0.79 5.22 -18.14
N ALA A 4 -1.35 4.29 -18.91
CA ALA A 4 -1.62 2.92 -18.38
C ALA A 4 -0.33 2.13 -17.96
N ASN A 5 0.83 2.59 -18.41
CA ASN A 5 2.14 2.03 -18.02
C ASN A 5 2.92 2.87 -16.98
N GLN A 6 2.25 3.85 -16.35
CA GLN A 6 2.92 4.80 -15.48
C GLN A 6 2.50 4.79 -14.02
N PHE A 7 1.89 3.69 -13.62
CA PHE A 7 1.59 3.49 -12.20
C PHE A 7 2.88 3.63 -11.40
N LEU A 8 3.88 2.79 -11.70
CA LEU A 8 5.09 2.75 -10.88
C LEU A 8 5.82 4.08 -10.92
N LYS A 9 5.80 4.74 -12.06
CA LYS A 9 6.32 6.11 -12.12
C LYS A 9 5.64 7.12 -11.17
N ALA A 10 4.29 7.13 -11.05
CA ALA A 10 3.67 8.05 -10.05
C ALA A 10 4.08 7.62 -8.64
N VAL A 11 4.13 6.32 -8.42
CA VAL A 11 4.48 5.80 -7.09
C VAL A 11 5.88 6.28 -6.72
N SER A 12 6.81 6.22 -7.68
CA SER A 12 8.20 6.56 -7.45
C SER A 12 8.37 8.02 -7.16
N GLN A 13 7.40 8.85 -7.50
CA GLN A 13 7.47 10.27 -7.24
C GLN A 13 6.75 10.72 -5.99
N LEU A 14 6.06 9.83 -5.29
CA LEU A 14 5.38 10.21 -4.06
C LEU A 14 6.40 10.73 -3.05
N GLN A 15 6.10 11.83 -2.38
CA GLN A 15 6.95 12.26 -1.28
C GLN A 15 6.12 13.04 -0.32
N GLY A 16 6.68 13.28 0.86
CA GLY A 16 5.98 13.98 1.93
C GLY A 16 4.72 13.30 2.43
N TRP A 17 3.72 14.10 2.77
CA TRP A 17 2.51 13.53 3.31
C TRP A 17 1.84 12.51 2.33
N ARG A 18 1.98 12.76 1.04
CA ARG A 18 1.35 11.91 0.03
C ARG A 18 1.95 10.51 0.10
N GLU A 19 3.28 10.42 0.27
CA GLU A 19 3.93 9.12 0.44
C GLU A 19 3.40 8.45 1.69
N CYS A 20 3.32 9.18 2.78
CA CYS A 20 2.81 8.60 4.03
CA CYS A 20 2.80 8.63 4.03
C CYS A 20 1.38 8.07 3.83
N ALA A 21 0.52 8.88 3.22
CA ALA A 21 -0.88 8.48 2.98
C ALA A 21 -0.96 7.19 2.15
N PHE A 22 -0.14 7.08 1.11
CA PHE A 22 -0.08 5.87 0.29
C PHE A 22 0.36 4.66 1.15
N LEU A 23 1.43 4.81 1.90
CA LEU A 23 1.86 3.71 2.79
C LEU A 23 0.78 3.28 3.77
N LEU A 24 0.09 4.26 4.37
CA LEU A 24 -0.96 3.96 5.35
C LEU A 24 -2.16 3.30 4.68
N ALA A 25 -2.46 3.71 3.44
CA ALA A 25 -3.53 3.08 2.67
C ALA A 25 -3.25 1.59 2.42
N LEU A 26 -2.03 1.27 1.99
CA LEU A 26 -1.64 -0.11 1.79
C LEU A 26 -1.79 -0.87 3.12
N ALA A 27 -1.38 -0.27 4.23
CA ALA A 27 -1.47 -1.01 5.52
C ALA A 27 -2.95 -1.21 5.94
N GLU A 28 -3.73 -0.15 5.78
CA GLU A 28 -5.15 -0.22 6.15
C GLU A 28 -5.91 -1.31 5.40
N ARG A 29 -5.62 -1.42 4.12
CA ARG A 29 -6.22 -2.46 3.27
C ARG A 29 -5.82 -3.87 3.69
N SER A 30 -4.67 -3.98 4.34
CA SER A 30 -4.20 -5.25 4.85
C SER A 30 -4.57 -5.57 6.28
N PHE A 31 -5.00 -4.56 7.03
CA PHE A 31 -5.20 -4.73 8.45
C PHE A 31 -6.08 -5.92 8.87
N PRO A 32 -7.20 -6.16 8.18
CA PRO A 32 -8.00 -7.29 8.64
C PRO A 32 -7.28 -8.65 8.57
N ASN A 33 -6.24 -8.76 7.75
CA ASN A 33 -5.43 -9.98 7.77
C ASN A 33 -4.71 -10.16 9.10
N TYR A 34 -4.26 -9.05 9.69
CA TYR A 34 -3.63 -9.08 11.00
C TYR A 34 -4.67 -9.45 12.04
N ALA A 35 -5.81 -8.76 12.01
CA ALA A 35 -6.87 -8.99 13.00
C ALA A 35 -7.36 -10.44 12.99
N LEU A 36 -7.56 -10.97 11.80
CA LEU A 36 -8.01 -12.36 11.67
C LEU A 36 -6.99 -13.33 12.22
N PHE A 37 -5.71 -13.11 11.92
CA PHE A 37 -4.68 -14.00 12.42
C PHE A 37 -4.64 -13.93 13.93
N ALA A 38 -4.58 -12.70 14.48
CA ALA A 38 -4.49 -12.49 15.92
C ALA A 38 -5.63 -13.17 16.64
N ASP A 39 -6.82 -13.04 16.06
CA ASP A 39 -7.98 -13.72 16.59
C ASP A 39 -7.80 -15.24 16.50
N ALA A 40 -7.52 -15.72 15.29
CA ALA A 40 -7.45 -17.16 15.03
C ALA A 40 -6.52 -17.85 16.04
N VAL A 41 -5.34 -17.30 16.26
CA VAL A 41 -4.37 -17.98 17.12
C VAL A 41 -4.50 -17.54 18.57
N GLY A 42 -5.56 -16.82 18.91
CA GLY A 42 -5.78 -16.40 20.29
C GLY A 42 -4.85 -15.37 20.88
N LEU A 43 -4.11 -14.62 20.06
CA LEU A 43 -3.42 -13.41 20.53
C LEU A 43 -4.52 -12.39 20.90
N LYS A 44 -4.24 -11.48 21.80
CA LYS A 44 -5.23 -10.47 22.11
C LYS A 44 -4.70 -9.14 21.60
N THR A 45 -4.14 -9.14 20.40
CA THR A 45 -3.38 -8.01 19.91
C THR A 45 -4.08 -7.20 18.82
N GLY A 46 -5.18 -7.72 18.28
CA GLY A 46 -5.93 -7.03 17.25
C GLY A 46 -6.32 -5.62 17.65
N GLY A 47 -6.87 -5.46 18.86
CA GLY A 47 -7.29 -4.14 19.34
C GLY A 47 -6.12 -3.17 19.54
N LYS A 48 -5.01 -3.70 20.05
CA LYS A 48 -3.81 -2.87 20.23
C LYS A 48 -3.23 -2.44 18.89
N MSE A 49 -3.23 -3.34 17.91
CA MSE A 49 -2.77 -3.00 16.57
C MSE A 49 -3.65 -1.95 15.91
O MSE A 49 -3.17 -1.01 15.29
CB MSE A 49 -2.64 -4.24 15.69
CG MSE A 49 -1.98 -3.92 14.33
SE MSE A 49 -0.12 -3.42 14.57
CE MSE A 49 0.59 -5.25 14.74
N ARG A 50 -4.97 -2.10 16.07
CA ARG A 50 -5.93 -1.12 15.51
C ARG A 50 -5.64 0.29 16.03
N GLN A 51 -5.35 0.39 17.33
CA GLN A 51 -4.95 1.67 17.93
C GLN A 51 -3.65 2.22 17.37
N LEU A 52 -2.64 1.36 17.17
CA LEU A 52 -1.34 1.82 16.65
C LEU A 52 -1.50 2.36 15.24
N LEU A 53 -2.27 1.64 14.43
CA LEU A 53 -2.57 2.07 13.07
C LEU A 53 -3.40 3.36 13.08
N ASP A 54 -4.43 3.42 13.94
CA ASP A 54 -5.18 4.69 14.09
C ASP A 54 -4.25 5.85 14.39
N LEU A 55 -3.31 5.62 15.30
CA LEU A 55 -2.32 6.66 15.65
C LEU A 55 -1.43 7.07 14.48
N ALA A 56 -1.03 6.10 13.67
CA ALA A 56 -0.23 6.38 12.48
C ALA A 56 -1.02 7.29 11.55
N TRP A 57 -2.29 6.98 11.30
CA TRP A 57 -3.17 7.88 10.51
C TRP A 57 -3.27 9.28 11.16
N ASP A 58 -3.51 9.35 12.47
CA ASP A 58 -3.59 10.68 13.16
C ASP A 58 -2.32 11.51 13.01
N MSE A 59 -1.19 10.83 12.97
CA MSE A 59 0.10 11.52 12.85
C MSE A 59 0.23 12.27 11.55
O MSE A 59 1.02 13.20 11.45
CB MSE A 59 1.28 10.53 13.06
CG MSE A 59 1.49 10.11 14.54
SE MSE A 59 2.56 8.49 14.66
CE MSE A 59 3.87 9.06 13.40
N LEU A 60 -0.55 11.90 10.52
CA LEU A 60 -0.49 12.58 9.23
C LEU A 60 -0.75 14.06 9.36
N GLN A 61 -1.62 14.47 10.27
CA GLN A 61 -1.82 15.89 10.44
C GLN A 61 -1.48 16.42 11.84
N LYS A 62 -0.51 15.81 12.51
CA LYS A 62 -0.04 16.28 13.80
C LYS A 62 1.48 16.22 13.84
N ASP A 63 2.10 17.16 14.57
CA ASP A 63 3.53 17.07 14.91
C ASP A 63 3.67 15.91 15.87
N VAL A 64 4.79 15.22 15.78
CA VAL A 64 5.10 14.10 16.65
C VAL A 64 6.57 14.25 16.99
N ALA A 65 6.96 13.95 18.23
CA ALA A 65 8.37 14.03 18.60
C ALA A 65 9.13 12.89 17.92
N ASP A 66 10.13 13.25 17.11
CA ASP A 66 11.06 12.24 16.63
C ASP A 66 11.48 11.29 17.74
N ALA A 67 11.78 11.84 18.93
CA ALA A 67 12.19 11.06 20.06
C ALA A 67 11.19 9.95 20.44
N ALA A 68 9.93 10.13 20.06
CA ALA A 68 8.85 9.16 20.37
C ALA A 68 8.79 8.03 19.36
N ILE A 69 9.37 8.19 18.18
CA ILE A 69 9.16 7.20 17.14
C ILE A 69 9.79 5.81 17.42
N PRO A 70 11.01 5.78 17.98
CA PRO A 70 11.57 4.43 18.16
C PRO A 70 10.70 3.52 19.04
N GLN A 71 10.05 4.10 20.03
CA GLN A 71 9.19 3.36 20.93
C GLN A 71 7.97 2.81 20.17
N LEU A 72 7.43 3.58 19.22
CA LEU A 72 6.37 3.06 18.37
C LEU A 72 6.78 1.83 17.56
N LEU A 73 7.99 1.87 16.99
CA LEU A 73 8.50 0.72 16.22
C LEU A 73 8.73 -0.46 17.14
N SER A 74 9.19 -0.17 18.35
CA SER A 74 9.40 -1.22 19.36
C SER A 74 8.05 -1.90 19.70
N LYS A 75 7.01 -1.10 19.94
CA LYS A 75 5.67 -1.66 20.19
C LYS A 75 5.21 -2.53 19.03
N LEU A 76 5.33 -2.02 17.81
CA LEU A 76 5.02 -2.80 16.62
C LEU A 76 5.75 -4.15 16.60
N GLU A 77 7.06 -4.14 16.85
CA GLU A 77 7.82 -5.41 16.85
C GLU A 77 7.21 -6.41 17.85
N THR A 78 6.78 -5.96 19.04
CA THR A 78 6.21 -6.91 20.00
C THR A 78 4.85 -7.45 19.52
N LEU A 79 4.15 -6.72 18.66
CA LEU A 79 2.88 -7.25 18.10
C LEU A 79 3.06 -8.11 16.84
N CYS A 80 4.27 -8.15 16.31
CA CYS A 80 4.53 -8.74 15.00
C CYS A 80 4.93 -10.21 15.12
N PRO A 81 4.21 -11.09 14.43
CA PRO A 81 4.52 -12.49 14.61
C PRO A 81 5.74 -12.94 13.85
N ASN A 82 6.36 -14.00 14.35
CA ASN A 82 7.40 -14.68 13.61
C ASN A 82 6.77 -15.77 12.77
N VAL A 83 6.99 -15.73 11.46
CA VAL A 83 6.30 -16.64 10.54
C VAL A 83 6.64 -18.12 10.86
N ASP A 84 7.86 -18.37 11.33
CA ASP A 84 8.29 -19.74 11.65
C ASP A 84 7.64 -20.29 12.92
N GLU A 85 7.01 -19.45 13.73
CA GLU A 85 6.45 -19.91 14.98
C GLU A 85 4.99 -20.26 14.88
N TYR A 86 4.41 -20.15 13.69
CA TYR A 86 3.01 -20.50 13.48
C TYR A 86 2.90 -21.27 12.17
N ASP A 87 2.08 -22.33 12.20
CA ASP A 87 1.96 -23.24 11.07
C ASP A 87 0.89 -22.82 10.09
N ALA A 88 -0.14 -22.13 10.56
CA ALA A 88 -1.20 -21.69 9.69
C ALA A 88 -0.71 -20.59 8.70
N TYR A 89 -1.25 -20.63 7.48
CA TYR A 89 -0.87 -19.68 6.43
C TYR A 89 -1.06 -18.20 6.86
N GLY A 90 -2.15 -17.94 7.61
CA GLY A 90 -2.58 -16.60 7.96
C GLY A 90 -1.49 -15.72 8.57
N VAL A 91 -0.46 -16.36 9.13
CA VAL A 91 0.66 -15.59 9.73
C VAL A 91 1.43 -14.76 8.71
N TYR A 92 1.47 -15.24 7.45
CA TYR A 92 2.21 -14.58 6.40
C TYR A 92 1.59 -13.22 6.02
N PRO A 93 0.30 -13.19 5.66
CA PRO A 93 -0.31 -11.84 5.49
C PRO A 93 -0.28 -10.98 6.78
N ALA A 94 -0.36 -11.59 7.95
CA ALA A 94 -0.25 -10.83 9.18
C ALA A 94 1.09 -10.11 9.25
N PHE A 95 2.14 -10.84 8.93
CA PHE A 95 3.49 -10.30 8.92
C PHE A 95 3.63 -9.21 7.85
N ASP A 96 3.06 -9.45 6.67
CA ASP A 96 3.15 -8.45 5.60
C ASP A 96 2.52 -7.12 5.99
N PHE A 97 1.38 -7.17 6.67
CA PHE A 97 0.75 -6.00 7.21
C PHE A 97 1.72 -5.23 8.11
N CYS A 98 2.35 -5.95 9.05
CA CYS A 98 3.27 -5.31 9.97
C CYS A 98 4.40 -4.61 9.22
N GLN A 99 4.92 -5.24 8.16
CA GLN A 99 5.94 -4.62 7.35
C GLN A 99 5.46 -3.33 6.69
N LEU A 100 4.20 -3.31 6.24
CA LEU A 100 3.66 -2.09 5.63
C LEU A 100 3.58 -0.97 6.66
N LEU A 101 3.09 -1.29 7.86
CA LEU A 101 2.95 -0.27 8.87
C LEU A 101 4.34 0.18 9.33
N GLU A 102 5.26 -0.78 9.46
CA GLU A 102 6.65 -0.42 9.80
C GLU A 102 7.20 0.63 8.84
N GLN A 103 6.97 0.46 7.54
CA GLN A 103 7.46 1.49 6.58
C GLN A 103 6.84 2.85 6.83
N ALA A 104 5.54 2.89 7.16
CA ALA A 104 4.89 4.16 7.37
C ALA A 104 5.52 4.82 8.60
N LEU A 105 5.78 4.02 9.65
CA LEU A 105 6.36 4.59 10.89
C LEU A 105 7.81 5.04 10.66
N LEU A 106 8.60 4.22 9.98
CA LEU A 106 9.99 4.56 9.68
C LEU A 106 10.06 5.83 8.86
N ASN A 107 9.06 6.03 7.99
CA ASN A 107 9.07 7.19 7.14
C ASN A 107 8.94 8.50 7.89
N ARG A 108 8.32 8.47 9.06
CA ARG A 108 8.20 9.68 9.87
C ARG A 108 9.55 10.10 10.44
N LEU A 109 10.39 9.13 10.75
CA LEU A 109 11.72 9.41 11.27
C LEU A 109 12.72 9.71 10.16
N ASN A 110 12.61 8.98 9.06
CA ASN A 110 13.54 9.13 7.95
C ASN A 110 12.74 9.32 6.66
N PRO A 111 12.15 10.51 6.46
CA PRO A 111 11.26 10.70 5.32
C PRO A 111 11.95 10.69 3.95
N ASN A 112 13.25 10.90 3.89
CA ASN A 112 13.90 11.06 2.61
C ASN A 112 14.18 9.75 1.90
N LYS A 113 14.13 8.62 2.60
CA LYS A 113 14.29 7.32 1.97
C LYS A 113 13.00 7.01 1.18
N HIS A 114 13.13 6.58 -0.07
CA HIS A 114 11.96 6.24 -0.86
C HIS A 114 11.52 4.84 -0.48
N ARG A 115 10.23 4.71 -0.20
CA ARG A 115 9.61 3.43 0.25
C ARG A 115 8.44 2.92 -0.56
N ALA A 116 7.75 3.81 -1.28
CA ALA A 116 6.43 3.48 -1.86
C ALA A 116 6.53 2.37 -2.89
N THR A 117 7.62 2.34 -3.65
CA THR A 117 7.75 1.34 -4.72
C THR A 117 7.80 -0.08 -4.16
N GLU A 118 8.70 -0.31 -3.24
CA GLU A 118 8.83 -1.62 -2.64
C GLU A 118 7.60 -1.99 -1.78
N ALA A 119 7.01 -1.03 -1.06
CA ALA A 119 5.77 -1.31 -0.30
C ALA A 119 4.62 -1.75 -1.26
N SER A 120 4.51 -1.10 -2.42
CA SER A 120 3.51 -1.46 -3.45
C SER A 120 3.75 -2.87 -3.97
N GLN A 121 5.02 -3.25 -4.21
CA GLN A 121 5.33 -4.60 -4.68
C GLN A 121 4.98 -5.65 -3.63
N LEU A 122 5.33 -5.34 -2.37
CA LEU A 122 4.97 -6.22 -1.23
C LEU A 122 3.45 -6.41 -1.13
N ALA A 123 2.72 -5.30 -1.20
CA ALA A 123 1.26 -5.37 -1.10
C ALA A 123 0.64 -6.22 -2.20
N THR A 124 1.17 -6.14 -3.43
CA THR A 124 0.76 -7.04 -4.54
C THR A 124 1.09 -8.49 -4.26
N ARG A 125 2.32 -8.70 -3.79
CA ARG A 125 2.81 -10.06 -3.55
CA ARG A 125 2.80 -10.05 -3.50
C ARG A 125 1.99 -10.75 -2.45
N THR A 126 1.47 -10.01 -1.48
CA THR A 126 0.58 -10.62 -0.49
C THR A 126 -0.62 -11.30 -1.18
N VAL A 127 -1.15 -10.61 -2.19
CA VAL A 127 -2.36 -11.11 -2.86
C VAL A 127 -1.95 -12.25 -3.78
N MSE A 128 -0.83 -12.08 -4.48
CA MSE A 128 -0.38 -13.13 -5.41
C MSE A 128 -0.06 -14.36 -4.61
O MSE A 128 -0.48 -15.44 -4.97
CB MSE A 128 0.86 -12.68 -6.20
CG MSE A 128 0.55 -11.68 -7.23
SE MSE A 128 2.17 -11.25 -8.25
CE MSE A 128 1.35 -10.25 -9.70
N ASP A 129 0.65 -14.23 -3.48
CA ASP A 129 1.00 -15.43 -2.71
C ASP A 129 -0.27 -16.17 -2.22
N PHE A 130 -1.27 -15.39 -1.81
CA PHE A 130 -2.51 -15.99 -1.30
C PHE A 130 -3.29 -16.72 -2.42
N VAL A 131 -3.35 -16.13 -3.60
CA VAL A 131 -4.03 -16.79 -4.74
C VAL A 131 -3.26 -18.05 -5.09
N GLU A 132 -1.94 -17.96 -5.09
CA GLU A 132 -1.15 -19.12 -5.43
C GLU A 132 -1.37 -20.26 -4.42
N MSE A 133 -1.41 -19.93 -3.15
CA MSE A 133 -1.60 -20.95 -2.09
C MSE A 133 -3.00 -21.52 -2.18
O MSE A 133 -3.17 -22.73 -2.12
CB MSE A 133 -1.38 -20.39 -0.69
CG MSE A 133 -1.58 -21.41 0.45
SE MSE A 133 -3.47 -21.47 0.98
CE MSE A 133 -3.76 -19.62 1.61
N SER A 134 -4.01 -20.67 -2.31
CA SER A 134 -5.38 -21.15 -2.28
C SER A 134 -5.86 -21.79 -3.58
N GLU A 135 -5.32 -21.42 -4.73
CA GLU A 135 -5.82 -21.93 -6.00
C GLU A 135 -4.80 -22.56 -6.92
N GLY A 136 -3.51 -22.45 -6.60
CA GLY A 136 -2.46 -22.76 -7.58
C GLY A 136 -1.89 -24.16 -7.49
N GLU A 137 -2.28 -24.91 -6.47
CA GLU A 137 -1.72 -26.26 -6.29
C GLU A 137 -1.84 -27.12 -7.55
N GLY A 138 -0.72 -27.68 -7.97
CA GLY A 138 -0.67 -28.52 -9.17
C GLY A 138 -0.66 -27.77 -10.50
N MSE A 139 -0.82 -26.44 -10.51
CA MSE A 139 -0.82 -25.71 -11.78
C MSE A 139 0.59 -25.49 -12.32
O MSE A 139 1.51 -25.22 -11.57
CB MSE A 139 -1.48 -24.33 -11.63
CG MSE A 139 -2.91 -24.36 -11.21
SE MSE A 139 -3.71 -22.65 -11.46
CE MSE A 139 -5.55 -23.19 -10.92
N ASP A 140 0.74 -25.59 -13.62
CA ASP A 140 1.90 -25.02 -14.29
C ASP A 140 1.94 -23.51 -14.08
N GLU A 141 3.15 -22.99 -14.20
CA GLU A 141 3.43 -21.59 -14.05
C GLU A 141 2.57 -20.74 -14.94
N ASN A 142 2.46 -21.14 -16.19
CA ASN A 142 1.73 -20.31 -17.12
C ASN A 142 0.20 -20.34 -16.85
N GLU A 143 -0.32 -21.45 -16.35
CA GLU A 143 -1.71 -21.53 -15.88
C GLU A 143 -1.93 -20.59 -14.70
N LEU A 144 -1.03 -20.65 -13.72
CA LEU A 144 -1.13 -19.77 -12.57
C LEU A 144 -1.17 -18.30 -13.00
N VAL A 145 -0.34 -17.91 -13.97
CA VAL A 145 -0.24 -16.51 -14.33
C VAL A 145 -1.53 -16.05 -15.03
N ARG A 146 -2.14 -16.96 -15.79
CA ARG A 146 -3.49 -16.76 -16.33
C ARG A 146 -4.55 -16.64 -15.24
N VAL A 147 -4.47 -17.43 -14.17
CA VAL A 147 -5.34 -17.16 -13.02
C VAL A 147 -5.13 -15.74 -12.47
N PHE A 148 -3.87 -15.33 -12.33
CA PHE A 148 -3.52 -14.01 -11.76
C PHE A 148 -4.13 -12.90 -12.59
N GLU A 149 -4.02 -13.05 -13.90
CA GLU A 149 -4.46 -11.97 -14.80
C GLU A 149 -5.97 -11.63 -14.67
N HIS A 150 -6.79 -12.62 -14.35
CA HIS A 150 -8.26 -12.43 -14.26
C HIS A 150 -8.81 -12.60 -12.87
N HIS A 151 -7.94 -12.76 -11.86
CA HIS A 151 -8.43 -12.96 -10.52
C HIS A 151 -8.96 -11.66 -9.92
N PRO A 152 -10.20 -11.69 -9.39
CA PRO A 152 -10.77 -10.45 -8.89
C PRO A 152 -9.97 -9.80 -7.76
N LEU A 153 -9.37 -10.59 -6.88
CA LEU A 153 -8.54 -9.99 -5.82
C LEU A 153 -7.36 -9.21 -6.40
N LEU A 154 -6.77 -9.72 -7.45
CA LEU A 154 -5.60 -9.06 -8.08
C LEU A 154 -6.04 -7.91 -8.97
N LYS A 155 -7.14 -8.09 -9.70
CA LYS A 155 -7.68 -6.92 -10.46
C LYS A 155 -8.08 -5.78 -9.51
N ASP A 156 -8.73 -6.12 -8.42
CA ASP A 156 -9.14 -5.10 -7.48
C ASP A 156 -7.96 -4.44 -6.79
N ASP A 157 -6.95 -5.24 -6.38
CA ASP A 157 -5.80 -4.66 -5.72
C ASP A 157 -5.06 -3.65 -6.61
N LYS A 158 -4.91 -4.03 -7.86
CA LYS A 158 -4.26 -3.19 -8.82
C LYS A 158 -4.98 -1.85 -8.94
N LEU A 159 -6.29 -1.89 -9.01
CA LEU A 159 -7.06 -0.63 -9.17
C LEU A 159 -7.16 0.15 -7.86
N PHE A 160 -7.16 -0.54 -6.72
CA PHE A 160 -7.08 0.16 -5.44
C PHE A 160 -5.76 0.92 -5.33
N GLN A 161 -4.64 0.28 -5.66
CA GLN A 161 -3.37 0.97 -5.56
C GLN A 161 -3.29 2.17 -6.51
N ARG A 162 -3.73 1.94 -7.74
CA ARG A 162 -3.72 3.00 -8.72
C ARG A 162 -4.67 4.16 -8.34
N ASP A 163 -5.91 3.85 -7.94
CA ASP A 163 -6.83 4.92 -7.51
C ASP A 163 -6.25 5.75 -6.40
N THR A 164 -5.59 5.11 -5.44
CA THR A 164 -5.02 5.82 -4.32
C THR A 164 -3.88 6.75 -4.76
N VAL A 165 -2.92 6.22 -5.53
CA VAL A 165 -1.78 6.98 -6.02
CA VAL A 165 -1.79 7.01 -5.96
C VAL A 165 -2.24 8.15 -6.87
N MSE A 166 -3.18 7.89 -7.76
CA MSE A 166 -3.66 8.95 -8.64
C MSE A 166 -4.49 10.02 -7.97
O MSE A 166 -4.40 11.20 -8.31
CB MSE A 166 -4.34 8.38 -9.88
CG MSE A 166 -3.41 7.50 -10.71
SE MSE A 166 -1.75 8.33 -11.24
CE MSE A 166 -0.95 6.73 -11.90
N ALA A 167 -5.28 9.64 -6.98
CA ALA A 167 -6.01 10.63 -6.18
C ALA A 167 -5.02 11.59 -5.50
N LEU A 168 -3.92 11.04 -4.97
CA LEU A 168 -2.85 11.81 -4.37
C LEU A 168 -2.13 12.65 -5.40
N TYR A 169 -1.91 12.08 -6.58
CA TYR A 169 -1.17 12.76 -7.64
C TYR A 169 -1.87 14.03 -8.10
N TYR A 170 -3.18 13.94 -8.24
CA TYR A 170 -3.97 15.10 -8.72
C TYR A 170 -4.32 16.08 -7.63
N TYR A 171 -4.40 15.61 -6.40
CA TYR A 171 -4.91 16.46 -5.32
C TYR A 171 -4.08 17.73 -5.17
N ARG A 172 -4.77 18.85 -4.99
CA ARG A 172 -4.15 20.16 -4.74
C ARG A 172 -5.20 20.97 -4.00
N THR A 173 -4.74 22.06 -3.39
CA THR A 173 -5.64 23.07 -2.83
C THR A 173 -5.19 24.41 -3.37
N PRO A 174 -6.14 25.33 -3.65
CA PRO A 174 -7.58 25.17 -3.60
C PRO A 174 -8.14 24.40 -4.80
N LYS A 175 -9.46 24.33 -4.86
CA LYS A 175 -10.16 23.62 -5.94
C LYS A 175 -9.66 23.98 -7.33
N GLU A 176 -9.38 25.25 -7.52
CA GLU A 176 -8.90 25.72 -8.81
C GLU A 176 -7.62 25.01 -9.25
N ALA A 177 -6.70 24.82 -8.31
CA ALA A 177 -5.41 24.19 -8.58
C ALA A 177 -5.62 22.70 -8.88
N PHE A 178 -6.56 22.07 -8.19
CA PHE A 178 -6.95 20.70 -8.51
C PHE A 178 -7.50 20.61 -9.92
N LEU A 179 -8.36 21.56 -10.31
CA LEU A 179 -8.96 21.45 -11.62
C LEU A 179 -7.87 21.69 -12.70
N ALA A 180 -6.91 22.58 -12.43
CA ALA A 180 -5.81 22.82 -13.37
C ALA A 180 -5.02 21.53 -13.60
N GLU A 181 -4.77 20.73 -12.56
CA GLU A 181 -4.05 19.47 -12.74
C GLU A 181 -4.87 18.46 -13.51
N LEU A 182 -6.15 18.33 -13.18
CA LEU A 182 -7.01 17.38 -13.92
C LEU A 182 -7.06 17.77 -15.37
N ARG A 183 -7.16 19.06 -15.63
CA ARG A 183 -7.23 19.53 -17.02
C ARG A 183 -5.94 19.19 -17.77
N ALA A 184 -4.80 19.50 -17.14
CA ALA A 184 -3.48 19.24 -17.74
C ALA A 184 -3.35 17.76 -18.09
N GLY A 185 -3.81 16.90 -17.21
CA GLY A 185 -3.76 15.47 -17.45
C GLY A 185 -4.57 15.07 -18.66
N ALA A 186 -5.80 15.60 -18.77
CA ALA A 186 -6.62 15.30 -19.94
C ALA A 186 -5.98 15.84 -21.21
N ALA A 187 -5.38 17.04 -21.13
CA ALA A 187 -4.75 17.70 -22.32
C ALA A 187 -3.59 16.82 -22.83
N ASN A 188 -2.88 16.16 -21.92
CA ASN A 188 -1.93 15.14 -22.31
C ASN A 188 -0.88 15.68 -23.32
N ASP A 189 -0.41 16.89 -23.02
CA ASP A 189 0.58 17.57 -23.84
C ASP A 189 0.14 17.71 -25.26
N GLY A 190 -1.17 17.84 -25.50
CA GLY A 190 -1.68 18.02 -26.84
C GLY A 190 -1.83 16.74 -27.66
N VAL A 191 -1.70 15.58 -27.02
CA VAL A 191 -1.81 14.29 -27.70
C VAL A 191 -3.20 13.67 -27.32
N SER A 192 -4.04 13.48 -28.32
CA SER A 192 -5.42 13.04 -28.12
C SER A 192 -5.48 11.56 -27.71
N ASN A 193 -6.69 11.10 -27.40
CA ASN A 193 -7.00 9.70 -27.20
C ASN A 193 -6.69 8.79 -28.35
N LEU A 194 -6.47 9.33 -29.56
CA LEU A 194 -6.10 8.50 -30.70
C LEU A 194 -4.60 8.54 -30.98
N GLY A 195 -3.82 9.18 -30.11
CA GLY A 195 -2.36 9.17 -30.23
C GLY A 195 -1.86 10.21 -31.20
N ILE A 196 -2.71 11.12 -31.65
CA ILE A 196 -2.30 12.16 -32.57
C ILE A 196 -2.22 13.55 -31.90
N SER A 197 -1.49 14.48 -32.53
CA SER A 197 -1.33 15.85 -32.03
C SER A 197 -1.16 16.77 -33.21
N LEU A 198 -1.34 18.06 -33.00
CA LEU A 198 -1.04 19.04 -34.06
C LEU A 198 0.37 19.54 -33.75
N GLU A 199 1.37 18.71 -34.10
CA GLU A 199 2.77 18.94 -33.71
C GLU A 199 3.42 19.99 -34.60
C1 CIT B . -3.42 21.40 1.86
O1 CIT B . -3.90 20.55 1.08
O2 CIT B . -4.22 21.92 2.63
C2 CIT B . -1.95 21.78 1.92
C3 CIT B . -1.05 20.76 1.22
O7 CIT B . -1.47 19.42 1.57
C4 CIT B . -1.14 21.00 -0.28
C5 CIT B . -0.27 20.12 -1.13
O3 CIT B . 0.62 19.36 -0.65
O4 CIT B . -0.41 20.17 -2.38
C6 CIT B . 0.40 20.90 1.70
O5 CIT B . 1.20 21.69 1.17
O6 CIT B . 0.81 20.15 2.61
NA NA C . 10.25 8.60 2.18
#